data_1G61
#
_entry.id   1G61
#
_cell.length_a   118.067
_cell.length_b   46.964
_cell.length_c   84.607
_cell.angle_alpha   90.00
_cell.angle_beta   98.53
_cell.angle_gamma   90.00
#
_symmetry.space_group_name_H-M   'C 1 2 1'
#
loop_
_entity.id
_entity.type
_entity.pdbx_description
1 polymer 'TRANSLATION INITIATION FACTOR 6'
2 water water
#
_entity_poly.entity_id   1
_entity_poly.type   'polypeptide(L)'
_entity_poly.pdbx_seq_one_letter_code
;MTMIIRKYFSGIPTIGVLALTTEEITLLPIFLDKDDVNEVSEVLETKCLQTNIGGSSLVGSLSVANKYGLLLPKIVEDEE
LDRIKNFLKENNLDLNVEIIKSKNTALGNLILTNDKGALISPELKDFKKDIEDSLNVEVEIGTIAELPTVGSNAVVTNKG
CLTHPLVEDDELEFLKSLFKVEYIGKGTANKGTTSVGACIIANSKGAVVGGDTTGPELLIIEDALGLI
;
_entity_poly.pdbx_strand_id   A,B
#
# COMPACT_ATOMS: atom_id res chain seq x y z
N MET A 3 -12.99 -12.63 -15.47
CA MET A 3 -12.64 -11.96 -14.20
C MET A 3 -13.71 -12.01 -13.12
N ILE A 4 -14.91 -12.49 -13.42
CA ILE A 4 -15.99 -12.54 -12.45
C ILE A 4 -16.68 -13.90 -12.48
N ILE A 5 -16.89 -14.51 -11.33
CA ILE A 5 -17.61 -15.78 -11.25
C ILE A 5 -18.81 -15.56 -10.37
N ARG A 6 -19.84 -16.30 -10.71
CA ARG A 6 -21.00 -16.45 -9.85
C ARG A 6 -20.88 -17.62 -8.91
N LYS A 7 -21.18 -17.47 -7.64
CA LYS A 7 -21.06 -18.55 -6.70
C LYS A 7 -22.16 -18.50 -5.66
N TYR A 8 -22.53 -19.68 -5.19
CA TYR A 8 -23.18 -19.81 -3.91
C TYR A 8 -22.15 -20.46 -2.98
N PHE A 9 -22.16 -20.09 -1.72
CA PHE A 9 -21.34 -20.75 -0.70
C PHE A 9 -22.23 -21.73 0.08
N SER A 10 -22.09 -23.00 -0.23
CA SER A 10 -22.93 -24.03 0.37
C SER A 10 -24.40 -23.59 0.31
N GLY A 11 -24.83 -23.12 -0.87
CA GLY A 11 -26.19 -22.71 -1.15
C GLY A 11 -26.59 -21.27 -0.82
N ILE A 12 -25.69 -20.54 -0.17
CA ILE A 12 -26.00 -19.20 0.33
C ILE A 12 -25.52 -18.17 -0.68
N PRO A 13 -26.38 -17.26 -1.18
CA PRO A 13 -25.96 -16.29 -2.19
C PRO A 13 -25.34 -15.02 -1.64
N THR A 14 -25.40 -14.84 -0.34
CA THR A 14 -24.98 -13.62 0.37
C THR A 14 -23.50 -13.64 0.61
N ILE A 15 -22.68 -13.66 -0.47
CA ILE A 15 -21.22 -13.81 -0.44
C ILE A 15 -20.52 -12.84 0.48
N GLY A 16 -20.96 -11.57 0.44
CA GLY A 16 -20.32 -10.48 1.17
C GLY A 16 -20.53 -10.53 2.68
N VAL A 17 -21.61 -11.22 3.14
CA VAL A 17 -21.74 -11.44 4.60
C VAL A 17 -20.75 -12.48 5.08
N LEU A 18 -20.43 -13.43 4.19
CA LEU A 18 -19.63 -14.58 4.54
C LEU A 18 -18.13 -14.44 4.30
N ALA A 19 -17.68 -13.38 3.65
CA ALA A 19 -16.31 -13.28 3.21
C ALA A 19 -15.88 -11.84 2.98
N LEU A 20 -14.57 -11.63 3.01
CA LEU A 20 -14.03 -10.32 2.61
C LEU A 20 -12.77 -10.59 1.79
N THR A 21 -12.35 -9.64 0.99
CA THR A 21 -11.08 -9.72 0.28
C THR A 21 -10.35 -8.37 0.23
N THR A 22 -9.04 -8.48 0.07
CA THR A 22 -8.20 -7.36 -0.30
C THR A 22 -7.55 -7.74 -1.63
N GLU A 23 -6.53 -6.97 -2.05
CA GLU A 23 -5.71 -7.40 -3.19
C GLU A 23 -4.89 -8.64 -2.83
N GLU A 24 -4.63 -8.91 -1.57
CA GLU A 24 -3.66 -9.97 -1.19
C GLU A 24 -4.29 -11.15 -0.50
N ILE A 25 -5.34 -10.92 0.29
CA ILE A 25 -5.91 -12.03 1.09
C ILE A 25 -7.43 -12.07 0.93
N THR A 26 -8.01 -13.22 1.15
CA THR A 26 -9.43 -13.41 1.24
C THR A 26 -9.76 -14.24 2.46
N LEU A 27 -10.71 -13.78 3.26
CA LEU A 27 -11.15 -14.54 4.44
C LEU A 27 -12.48 -15.19 4.10
N LEU A 28 -12.58 -16.49 4.39
CA LEU A 28 -13.70 -17.30 3.96
C LEU A 28 -14.26 -18.14 5.09
N PRO A 29 -15.51 -18.57 5.01
CA PRO A 29 -16.06 -19.43 6.09
C PRO A 29 -15.42 -20.82 6.11
N ILE A 30 -15.35 -21.38 7.35
CA ILE A 30 -14.72 -22.70 7.45
C ILE A 30 -15.53 -23.80 6.77
N PHE A 31 -16.82 -23.57 6.48
CA PHE A 31 -17.61 -24.67 5.91
C PHE A 31 -17.35 -24.84 4.43
N LEU A 32 -16.69 -23.90 3.75
CA LEU A 32 -16.47 -24.09 2.31
C LEU A 32 -15.55 -25.27 2.04
N ASP A 33 -15.84 -26.01 0.95
CA ASP A 33 -14.90 -27.08 0.55
C ASP A 33 -13.71 -26.55 -0.25
N LYS A 34 -12.73 -27.44 -0.51
CA LYS A 34 -11.48 -27.00 -1.12
C LYS A 34 -11.76 -26.58 -2.55
N ASP A 35 -12.73 -27.18 -3.26
CA ASP A 35 -12.94 -26.64 -4.61
C ASP A 35 -13.43 -25.22 -4.59
N ASP A 36 -14.32 -24.87 -3.68
CA ASP A 36 -14.84 -23.51 -3.65
C ASP A 36 -13.70 -22.55 -3.29
N VAL A 37 -12.88 -22.96 -2.31
CA VAL A 37 -11.77 -22.09 -1.92
C VAL A 37 -10.85 -21.84 -3.09
N ASN A 38 -10.51 -22.93 -3.85
CA ASN A 38 -9.61 -22.74 -4.98
C ASN A 38 -10.21 -21.83 -6.05
N GLU A 39 -11.51 -21.94 -6.30
CA GLU A 39 -12.16 -21.11 -7.32
C GLU A 39 -12.07 -19.65 -6.90
N VAL A 40 -12.32 -19.33 -5.63
CA VAL A 40 -12.21 -17.97 -5.15
C VAL A 40 -10.78 -17.44 -5.24
N SER A 41 -9.83 -18.25 -4.81
CA SER A 41 -8.43 -17.89 -4.85
C SER A 41 -8.01 -17.59 -6.28
N GLU A 42 -8.46 -18.36 -7.25
CA GLU A 42 -8.04 -18.17 -8.62
C GLU A 42 -8.60 -16.90 -9.19
N VAL A 43 -9.89 -16.60 -8.93
CA VAL A 43 -10.44 -15.41 -9.57
C VAL A 43 -9.99 -14.13 -8.89
N LEU A 44 -9.79 -14.15 -7.58
CA LEU A 44 -9.33 -12.94 -6.88
C LEU A 44 -7.81 -12.83 -6.87
N GLU A 45 -7.12 -13.92 -7.20
CA GLU A 45 -5.63 -14.02 -7.18
C GLU A 45 -5.13 -13.69 -5.79
N THR A 46 -5.66 -14.34 -4.76
CA THR A 46 -5.33 -14.03 -3.37
C THR A 46 -4.92 -15.29 -2.61
N LYS A 47 -4.35 -15.14 -1.44
CA LYS A 47 -4.15 -16.17 -0.44
C LYS A 47 -5.40 -16.21 0.44
N CYS A 48 -5.97 -17.38 0.59
CA CYS A 48 -7.25 -17.54 1.26
C CYS A 48 -7.06 -18.19 2.62
N LEU A 49 -7.71 -17.62 3.61
CA LEU A 49 -7.77 -18.21 4.95
C LEU A 49 -9.22 -18.52 5.31
N GLN A 50 -9.47 -19.77 5.72
CA GLN A 50 -10.78 -20.11 6.28
C GLN A 50 -10.70 -19.96 7.79
N THR A 51 -11.59 -19.14 8.37
CA THR A 51 -11.57 -18.88 9.80
C THR A 51 -12.97 -18.48 10.25
N ASN A 52 -13.29 -18.74 11.52
CA ASN A 52 -14.38 -18.09 12.19
C ASN A 52 -13.95 -16.73 12.72
N ILE A 53 -14.91 -15.86 13.01
CA ILE A 53 -14.69 -14.64 13.79
C ILE A 53 -15.79 -14.56 14.86
N GLY A 54 -15.43 -14.52 16.14
CA GLY A 54 -16.44 -14.50 17.20
C GLY A 54 -17.20 -15.82 17.23
N GLY A 55 -16.65 -16.91 16.71
CA GLY A 55 -17.30 -18.20 16.70
C GLY A 55 -18.15 -18.39 15.46
N SER A 56 -18.26 -17.39 14.63
CA SER A 56 -19.17 -17.18 13.55
C SER A 56 -18.56 -17.34 12.17
N SER A 57 -19.32 -17.74 11.17
CA SER A 57 -18.91 -17.71 9.76
C SER A 57 -19.24 -16.41 9.05
N LEU A 58 -19.77 -15.43 9.75
CA LEU A 58 -20.20 -14.16 9.09
C LEU A 58 -19.02 -13.20 8.98
N VAL A 59 -17.94 -13.70 8.33
CA VAL A 59 -16.66 -12.99 8.32
C VAL A 59 -16.74 -11.62 7.66
N GLY A 60 -17.51 -11.51 6.56
CA GLY A 60 -17.65 -10.28 5.81
C GLY A 60 -18.44 -9.22 6.54
N SER A 61 -19.35 -9.66 7.45
CA SER A 61 -20.10 -8.73 8.25
C SER A 61 -19.33 -8.25 9.48
N LEU A 62 -18.41 -9.09 9.95
CA LEU A 62 -17.76 -8.80 11.23
C LEU A 62 -16.40 -8.15 11.10
N SER A 63 -15.78 -8.17 9.93
CA SER A 63 -14.39 -7.73 9.80
C SER A 63 -14.22 -6.93 8.53
N VAL A 64 -13.11 -6.19 8.46
CA VAL A 64 -12.71 -5.30 7.37
C VAL A 64 -11.22 -5.42 7.14
N ALA A 65 -10.76 -5.32 5.91
CA ALA A 65 -9.32 -5.30 5.69
C ALA A 65 -8.96 -4.54 4.44
N ASN A 66 -7.72 -4.07 4.43
CA ASN A 66 -7.19 -3.49 3.19
C ASN A 66 -5.71 -3.91 3.14
N LYS A 67 -4.90 -3.24 2.31
CA LYS A 67 -3.47 -3.65 2.23
C LYS A 67 -2.74 -3.41 3.54
N TYR A 68 -3.21 -2.44 4.32
CA TYR A 68 -2.49 -1.95 5.51
C TYR A 68 -3.00 -2.51 6.82
N GLY A 69 -4.30 -2.85 6.91
CA GLY A 69 -4.83 -3.17 8.21
C GLY A 69 -5.93 -4.19 8.14
N LEU A 70 -6.21 -4.81 9.27
CA LEU A 70 -7.30 -5.76 9.44
C LEU A 70 -8.02 -5.39 10.71
N LEU A 71 -9.32 -5.12 10.60
CA LEU A 71 -10.11 -4.73 11.78
C LEU A 71 -10.97 -5.91 12.25
N LEU A 72 -10.93 -6.17 13.55
CA LEU A 72 -11.68 -7.30 14.12
C LEU A 72 -12.55 -6.75 15.24
N PRO A 73 -13.71 -7.37 15.47
CA PRO A 73 -14.61 -6.95 16.54
C PRO A 73 -14.14 -7.49 17.88
N LYS A 74 -14.75 -6.92 18.97
CA LYS A 74 -14.31 -7.29 20.30
C LYS A 74 -14.59 -8.74 20.62
N ILE A 75 -15.48 -9.40 19.89
CA ILE A 75 -15.85 -10.78 20.16
C ILE A 75 -14.85 -11.74 19.54
N VAL A 76 -13.80 -11.26 18.81
CA VAL A 76 -12.87 -12.23 18.23
C VAL A 76 -12.26 -13.04 19.36
N GLU A 77 -12.10 -14.34 19.13
CA GLU A 77 -11.61 -15.25 20.16
C GLU A 77 -10.11 -15.40 20.08
N ASP A 78 -9.42 -15.70 21.17
CA ASP A 78 -7.97 -15.80 21.14
C ASP A 78 -7.49 -16.80 20.11
N GLU A 79 -8.11 -17.94 19.95
CA GLU A 79 -7.65 -18.94 18.98
C GLU A 79 -7.84 -18.39 17.57
N GLU A 80 -8.91 -17.62 17.36
CA GLU A 80 -9.13 -17.04 16.02
C GLU A 80 -8.06 -16.00 15.69
N LEU A 81 -7.75 -15.14 16.65
CA LEU A 81 -6.71 -14.15 16.49
C LEU A 81 -5.38 -14.83 16.19
N ASP A 82 -5.05 -15.87 16.96
CA ASP A 82 -3.86 -16.62 16.73
C ASP A 82 -3.80 -17.21 15.31
N ARG A 83 -4.87 -17.81 14.85
CA ARG A 83 -5.01 -18.41 13.53
C ARG A 83 -4.76 -17.35 12.46
N ILE A 84 -5.42 -16.21 12.63
CA ILE A 84 -5.26 -15.13 11.63
C ILE A 84 -3.84 -14.59 11.62
N LYS A 85 -3.24 -14.31 12.75
CA LYS A 85 -1.88 -13.78 12.77
C LYS A 85 -0.91 -14.82 12.23
N ASN A 86 -1.13 -16.09 12.50
CA ASN A 86 -0.23 -17.13 11.97
C ASN A 86 -0.31 -17.15 10.44
N PHE A 87 -1.50 -17.07 9.88
CA PHE A 87 -1.67 -17.03 8.43
C PHE A 87 -0.96 -15.82 7.83
N LEU A 88 -1.09 -14.66 8.49
CA LEU A 88 -0.38 -13.46 7.96
C LEU A 88 1.12 -13.70 8.03
N LYS A 89 1.64 -14.24 9.12
CA LYS A 89 3.09 -14.45 9.28
C LYS A 89 3.58 -15.40 8.20
N GLU A 90 2.87 -16.51 7.99
CA GLU A 90 3.23 -17.52 7.01
C GLU A 90 3.34 -16.96 5.60
N ASN A 91 2.58 -15.91 5.31
CA ASN A 91 2.57 -15.26 4.02
C ASN A 91 3.38 -13.99 3.99
N ASN A 92 4.14 -13.75 5.06
CA ASN A 92 4.95 -12.51 5.15
C ASN A 92 4.14 -11.23 4.98
N LEU A 93 2.95 -11.20 5.54
CA LEU A 93 2.06 -10.06 5.45
C LEU A 93 2.06 -9.29 6.77
N ASP A 94 2.44 -8.04 6.69
CA ASP A 94 2.54 -7.17 7.87
C ASP A 94 1.37 -6.19 7.82
N LEU A 95 0.29 -6.54 8.49
CA LEU A 95 -0.88 -5.68 8.61
C LEU A 95 -0.96 -5.13 10.01
N ASN A 96 -1.64 -3.99 10.13
CA ASN A 96 -2.02 -3.42 11.41
C ASN A 96 -3.26 -4.16 11.89
N VAL A 97 -3.13 -5.22 12.70
CA VAL A 97 -4.30 -5.96 13.16
C VAL A 97 -4.87 -5.24 14.39
N GLU A 98 -6.11 -4.78 14.27
CA GLU A 98 -6.67 -3.86 15.29
C GLU A 98 -8.03 -4.34 15.72
N ILE A 99 -8.26 -4.51 17.03
CA ILE A 99 -9.59 -4.81 17.54
C ILE A 99 -10.29 -3.48 17.79
N ILE A 100 -11.41 -3.31 17.09
CA ILE A 100 -12.28 -2.13 17.24
C ILE A 100 -13.35 -2.52 18.27
N LYS A 101 -13.22 -1.89 19.46
CA LYS A 101 -14.03 -2.34 20.58
C LYS A 101 -15.39 -1.70 20.63
N SER A 102 -16.05 -1.63 19.50
CA SER A 102 -17.39 -1.07 19.44
C SER A 102 -18.46 -2.02 19.97
N LYS A 103 -19.57 -1.45 20.50
CA LYS A 103 -20.67 -2.29 20.94
C LYS A 103 -21.33 -2.98 19.75
N ASN A 104 -21.35 -2.32 18.60
CA ASN A 104 -21.82 -2.92 17.37
C ASN A 104 -20.65 -3.66 16.73
N THR A 105 -20.73 -4.99 16.70
CA THR A 105 -19.60 -5.81 16.25
C THR A 105 -19.57 -6.03 14.73
N ALA A 106 -20.56 -5.49 14.00
CA ALA A 106 -20.67 -5.76 12.54
C ALA A 106 -19.79 -4.83 11.73
N LEU A 107 -18.48 -4.88 11.99
CA LEU A 107 -17.57 -3.91 11.39
C LEU A 107 -17.65 -3.90 9.86
N GLY A 108 -17.78 -5.09 9.27
CA GLY A 108 -17.85 -5.17 7.81
C GLY A 108 -19.09 -4.55 7.23
N ASN A 109 -20.20 -4.51 8.01
CA ASN A 109 -21.42 -3.83 7.59
C ASN A 109 -21.26 -2.31 7.74
N LEU A 110 -20.42 -1.90 8.67
CA LEU A 110 -20.33 -0.47 9.07
C LEU A 110 -19.19 0.31 8.43
N ILE A 111 -18.30 -0.37 7.73
CA ILE A 111 -17.10 0.27 7.17
C ILE A 111 -16.92 -0.20 5.72
N LEU A 112 -16.51 0.71 4.89
CA LEU A 112 -16.28 0.44 3.47
C LEU A 112 -14.91 1.00 3.11
N THR A 113 -13.95 0.19 2.70
CA THR A 113 -12.59 0.67 2.50
C THR A 113 -11.94 0.05 1.29
N ASN A 114 -11.09 0.87 0.63
CA ASN A 114 -10.11 0.27 -0.27
C ASN A 114 -8.73 0.65 0.27
N ASP A 115 -7.67 0.69 -0.55
CA ASP A 115 -6.33 1.02 -0.07
C ASP A 115 -6.07 2.53 -0.13
N LYS A 116 -7.07 3.33 -0.47
CA LYS A 116 -6.94 4.77 -0.64
C LYS A 116 -7.92 5.57 0.19
N GLY A 117 -9.01 4.99 0.70
CA GLY A 117 -10.01 5.78 1.48
C GLY A 117 -11.00 4.81 2.12
N ALA A 118 -11.65 5.33 3.14
CA ALA A 118 -12.67 4.55 3.86
C ALA A 118 -13.80 5.43 4.30
N LEU A 119 -15.00 4.84 4.27
CA LEU A 119 -16.21 5.46 4.77
C LEU A 119 -16.70 4.63 5.97
N ILE A 120 -17.13 5.31 7.05
CA ILE A 120 -17.58 4.58 8.24
C ILE A 120 -18.91 5.16 8.68
N SER A 121 -19.73 4.24 9.23
CA SER A 121 -21.00 4.65 9.83
C SER A 121 -20.80 5.70 10.90
N PRO A 122 -21.70 6.67 11.02
CA PRO A 122 -21.64 7.60 12.15
C PRO A 122 -21.64 6.87 13.48
N GLU A 123 -22.21 5.67 13.61
CA GLU A 123 -22.19 4.94 14.89
C GLU A 123 -20.75 4.68 15.35
N LEU A 124 -19.81 4.62 14.41
CA LEU A 124 -18.43 4.33 14.77
C LEU A 124 -17.60 5.60 14.91
N LYS A 125 -18.20 6.78 14.98
CA LYS A 125 -17.41 8.02 15.00
C LYS A 125 -16.32 8.02 16.06
N ASP A 126 -16.56 7.45 17.24
CA ASP A 126 -15.54 7.58 18.29
C ASP A 126 -14.35 6.64 18.04
N PHE A 127 -14.41 5.77 17.05
CA PHE A 127 -13.37 4.83 16.66
C PHE A 127 -12.63 5.32 15.41
N LYS A 128 -12.93 6.53 14.98
CA LYS A 128 -12.31 7.00 13.75
C LYS A 128 -10.78 6.96 13.79
N LYS A 129 -10.14 7.42 14.86
CA LYS A 129 -8.68 7.40 14.89
C LYS A 129 -8.16 5.98 14.82
N ASP A 130 -8.76 5.04 15.58
CA ASP A 130 -8.29 3.65 15.51
C ASP A 130 -8.37 3.08 14.08
N ILE A 131 -9.45 3.43 13.39
CA ILE A 131 -9.71 2.94 12.03
C ILE A 131 -8.70 3.60 11.12
N GLU A 132 -8.48 4.92 11.23
CA GLU A 132 -7.47 5.58 10.41
C GLU A 132 -6.08 5.01 10.59
N ASP A 133 -5.71 4.75 11.85
CA ASP A 133 -4.35 4.28 12.11
C ASP A 133 -4.14 2.88 11.59
N SER A 134 -5.16 2.02 11.59
CA SER A 134 -5.01 0.66 11.14
C SER A 134 -5.09 0.59 9.61
N LEU A 135 -6.16 1.18 9.04
CA LEU A 135 -6.33 1.11 7.58
C LEU A 135 -5.36 2.02 6.84
N ASN A 136 -4.83 3.06 7.53
CA ASN A 136 -3.81 3.93 6.97
C ASN A 136 -4.30 4.62 5.72
N VAL A 137 -5.55 5.08 5.74
CA VAL A 137 -6.15 5.86 4.66
C VAL A 137 -7.01 6.98 5.25
N GLU A 138 -7.36 7.92 4.38
CA GLU A 138 -8.33 8.93 4.77
C GLU A 138 -9.62 8.24 5.17
N VAL A 139 -10.20 8.63 6.30
CA VAL A 139 -11.50 8.10 6.76
C VAL A 139 -12.50 9.23 6.86
N GLU A 140 -13.69 9.04 6.28
CA GLU A 140 -14.78 10.00 6.46
C GLU A 140 -15.99 9.27 7.04
N ILE A 141 -16.86 10.00 7.73
CA ILE A 141 -18.07 9.43 8.31
C ILE A 141 -19.21 9.71 7.36
N GLY A 142 -20.11 8.74 7.15
CA GLY A 142 -21.29 9.09 6.33
C GLY A 142 -22.13 7.86 6.11
N THR A 143 -23.05 7.98 5.16
CA THR A 143 -24.05 6.96 4.83
C THR A 143 -23.98 6.63 3.35
N ILE A 144 -24.74 5.63 2.92
CA ILE A 144 -24.92 5.29 1.52
C ILE A 144 -26.41 5.17 1.27
N ALA A 145 -26.94 6.04 0.39
CA ALA A 145 -28.38 6.01 0.10
C ALA A 145 -29.12 6.16 1.42
N GLU A 146 -28.65 7.00 2.33
CA GLU A 146 -29.24 7.30 3.64
C GLU A 146 -29.06 6.20 4.67
N LEU A 147 -28.40 5.09 4.33
CA LEU A 147 -28.21 3.96 5.23
C LEU A 147 -26.85 3.98 5.90
N PRO A 148 -26.78 3.75 7.21
CA PRO A 148 -25.49 3.80 7.91
C PRO A 148 -24.66 2.52 7.75
N THR A 149 -25.25 1.41 7.27
CA THR A 149 -24.46 0.18 6.97
C THR A 149 -23.78 0.32 5.63
N VAL A 150 -22.77 1.19 5.58
CA VAL A 150 -22.12 1.50 4.28
C VAL A 150 -21.41 0.31 3.69
N GLY A 151 -20.90 -0.59 4.53
CA GLY A 151 -20.26 -1.80 4.00
C GLY A 151 -21.24 -2.76 3.42
N SER A 152 -22.49 -2.81 3.90
CA SER A 152 -23.50 -3.68 3.30
C SER A 152 -24.03 -3.10 2.00
N ASN A 153 -23.94 -1.77 1.84
CA ASN A 153 -24.64 -1.12 0.75
C ASN A 153 -23.76 -0.62 -0.37
N ALA A 154 -22.52 -1.09 -0.43
CA ALA A 154 -21.63 -0.80 -1.55
C ALA A 154 -20.49 -1.80 -1.56
N VAL A 155 -19.85 -1.89 -2.70
CA VAL A 155 -18.64 -2.67 -2.92
C VAL A 155 -17.60 -1.68 -3.42
N VAL A 156 -16.39 -1.75 -2.87
CA VAL A 156 -15.33 -0.85 -3.31
C VAL A 156 -14.04 -1.64 -3.45
N THR A 157 -13.30 -1.28 -4.51
CA THR A 157 -11.99 -1.84 -4.75
C THR A 157 -11.07 -0.67 -5.08
N ASN A 158 -9.80 -0.90 -5.30
CA ASN A 158 -8.89 0.14 -5.75
C ASN A 158 -9.23 0.66 -7.14
N LYS A 159 -10.02 -0.09 -7.89
CA LYS A 159 -10.31 0.28 -9.28
C LYS A 159 -11.68 0.87 -9.43
N GLY A 160 -12.69 0.42 -8.66
CA GLY A 160 -14.04 0.91 -8.89
C GLY A 160 -14.92 0.74 -7.65
N CYS A 161 -16.19 1.13 -7.83
CA CYS A 161 -17.13 1.12 -6.72
C CYS A 161 -18.54 0.88 -7.26
N LEU A 162 -19.25 -0.01 -6.64
CA LEU A 162 -20.66 -0.26 -6.95
C LEU A 162 -21.53 0.09 -5.75
N THR A 163 -22.54 0.94 -5.92
CA THR A 163 -23.38 1.28 -4.78
C THR A 163 -24.81 0.77 -4.94
N HIS A 164 -25.54 0.79 -3.83
CA HIS A 164 -26.98 0.76 -3.78
C HIS A 164 -27.58 1.62 -4.90
N PRO A 165 -28.65 1.12 -5.52
CA PRO A 165 -29.21 1.82 -6.71
C PRO A 165 -29.75 3.20 -6.40
N LEU A 166 -30.03 3.59 -5.17
CA LEU A 166 -30.66 4.88 -4.88
C LEU A 166 -29.67 5.95 -4.49
N VAL A 167 -28.39 5.72 -4.70
CA VAL A 167 -27.38 6.76 -4.46
C VAL A 167 -27.52 7.86 -5.49
N GLU A 168 -27.55 9.11 -5.02
CA GLU A 168 -27.74 10.24 -5.92
C GLU A 168 -26.38 10.69 -6.48
N ASP A 169 -26.36 11.47 -7.57
CA ASP A 169 -25.15 11.81 -8.25
C ASP A 169 -24.18 12.56 -7.33
N ASP A 170 -24.65 13.43 -6.45
CA ASP A 170 -23.71 14.19 -5.63
C ASP A 170 -22.98 13.24 -4.69
N GLU A 171 -23.65 12.21 -4.20
CA GLU A 171 -23.03 11.23 -3.31
C GLU A 171 -22.09 10.33 -4.09
N LEU A 172 -22.47 9.96 -5.32
CA LEU A 172 -21.59 9.19 -6.19
C LEU A 172 -20.28 9.94 -6.45
N GLU A 173 -20.34 11.25 -6.72
CA GLU A 173 -19.13 12.05 -6.90
C GLU A 173 -18.29 12.07 -5.63
N PHE A 174 -18.87 12.21 -4.46
CA PHE A 174 -18.16 12.14 -3.18
C PHE A 174 -17.45 10.81 -3.01
N LEU A 175 -18.15 9.70 -3.28
CA LEU A 175 -17.53 8.38 -3.11
C LEU A 175 -16.37 8.18 -4.08
N LYS A 176 -16.58 8.64 -5.31
CA LYS A 176 -15.53 8.50 -6.32
C LYS A 176 -14.28 9.22 -5.86
N SER A 177 -14.46 10.41 -5.28
CA SER A 177 -13.35 11.21 -4.78
C SER A 177 -12.71 10.56 -3.57
N LEU A 178 -13.53 10.09 -2.60
CA LEU A 178 -13.02 9.49 -1.36
C LEU A 178 -12.18 8.24 -1.64
N PHE A 179 -12.62 7.42 -2.59
CA PHE A 179 -11.99 6.15 -2.86
C PHE A 179 -10.98 6.26 -3.99
N LYS A 180 -10.90 7.42 -4.65
CA LYS A 180 -9.94 7.69 -5.71
C LYS A 180 -10.01 6.64 -6.80
N VAL A 181 -11.26 6.37 -7.25
CA VAL A 181 -11.50 5.36 -8.30
C VAL A 181 -11.94 6.03 -9.60
N GLU A 182 -11.63 5.40 -10.74
CA GLU A 182 -12.01 6.02 -12.02
C GLU A 182 -13.33 5.41 -12.48
N TYR A 183 -13.76 4.28 -11.91
CA TYR A 183 -15.00 3.59 -12.28
C TYR A 183 -15.95 3.66 -11.12
N ILE A 184 -17.22 3.99 -11.37
CA ILE A 184 -18.22 3.89 -10.33
C ILE A 184 -19.58 3.72 -10.99
N GLY A 185 -20.47 3.02 -10.27
CA GLY A 185 -21.87 2.88 -10.73
C GLY A 185 -22.76 2.41 -9.61
N LYS A 186 -24.02 2.23 -9.97
CA LYS A 186 -25.01 1.83 -8.99
C LYS A 186 -25.87 0.73 -9.55
N GLY A 187 -26.34 -0.17 -8.72
CA GLY A 187 -27.16 -1.28 -9.25
C GLY A 187 -27.49 -2.26 -8.11
N THR A 188 -28.09 -3.38 -8.52
CA THR A 188 -28.43 -4.45 -7.57
C THR A 188 -27.61 -5.71 -7.85
N ALA A 189 -27.73 -6.67 -6.93
CA ALA A 189 -27.14 -7.99 -7.16
C ALA A 189 -28.12 -9.04 -6.65
N ASN A 190 -27.86 -10.29 -6.99
CA ASN A 190 -28.73 -11.37 -6.52
C ASN A 190 -30.21 -11.10 -6.85
N LYS A 191 -30.49 -10.65 -8.04
CA LYS A 191 -31.86 -10.46 -8.52
C LYS A 191 -32.62 -9.46 -7.66
N GLY A 192 -31.98 -8.25 -7.54
CA GLY A 192 -32.74 -7.17 -6.97
C GLY A 192 -32.35 -6.78 -5.58
N THR A 193 -31.40 -7.45 -4.94
CA THR A 193 -30.96 -7.06 -3.61
C THR A 193 -30.21 -5.74 -3.72
N THR A 194 -30.58 -4.79 -2.85
CA THR A 194 -29.96 -3.45 -2.95
C THR A 194 -28.68 -3.36 -2.13
N SER A 195 -28.53 -4.23 -1.13
CA SER A 195 -27.34 -4.20 -0.27
C SER A 195 -26.25 -4.96 -0.99
N VAL A 196 -25.64 -4.30 -1.99
CA VAL A 196 -24.74 -5.06 -2.87
C VAL A 196 -23.51 -5.51 -2.15
N GLY A 197 -23.11 -4.84 -1.07
CA GLY A 197 -21.95 -5.28 -0.29
C GLY A 197 -22.22 -6.64 0.37
N ALA A 198 -23.46 -7.01 0.61
CA ALA A 198 -23.79 -8.33 1.15
C ALA A 198 -23.67 -9.39 0.08
N CYS A 199 -23.55 -9.04 -1.20
CA CYS A 199 -23.72 -10.00 -2.30
C CYS A 199 -22.45 -10.26 -3.10
N ILE A 200 -21.41 -9.49 -2.90
CA ILE A 200 -20.24 -9.47 -3.79
C ILE A 200 -18.96 -9.24 -2.98
N ILE A 201 -17.91 -9.96 -3.32
CA ILE A 201 -16.57 -9.54 -2.88
C ILE A 201 -15.74 -9.31 -4.15
N ALA A 202 -14.90 -8.31 -4.13
CA ALA A 202 -14.13 -7.96 -5.31
C ALA A 202 -12.81 -7.25 -4.94
N ASN A 203 -11.87 -7.36 -5.85
CA ASN A 203 -10.67 -6.53 -5.80
C ASN A 203 -10.40 -6.05 -7.24
N SER A 204 -9.21 -5.47 -7.48
CA SER A 204 -8.94 -4.93 -8.81
C SER A 204 -8.76 -6.01 -9.86
N LYS A 205 -8.63 -7.28 -9.44
CA LYS A 205 -8.33 -8.38 -10.34
C LYS A 205 -9.55 -9.22 -10.69
N GLY A 206 -10.59 -9.25 -9.85
CA GLY A 206 -11.72 -10.10 -10.12
C GLY A 206 -12.79 -9.90 -9.06
N ALA A 207 -13.91 -10.61 -9.25
CA ALA A 207 -15.02 -10.54 -8.28
C ALA A 207 -15.70 -11.90 -8.17
N VAL A 208 -16.26 -12.15 -6.99
CA VAL A 208 -17.16 -13.29 -6.75
C VAL A 208 -18.52 -12.66 -6.48
N VAL A 209 -19.52 -12.98 -7.30
CA VAL A 209 -20.82 -12.37 -7.11
C VAL A 209 -21.83 -13.45 -6.72
N GLY A 210 -22.83 -13.09 -5.92
CA GLY A 210 -23.78 -14.10 -5.50
C GLY A 210 -24.44 -14.75 -6.72
N GLY A 211 -24.72 -16.05 -6.59
CA GLY A 211 -25.22 -16.91 -7.65
C GLY A 211 -26.53 -16.44 -8.28
N ASP A 212 -27.39 -15.69 -7.60
CA ASP A 212 -28.65 -15.27 -8.18
C ASP A 212 -28.53 -14.01 -9.05
N THR A 213 -27.33 -13.43 -9.08
CA THR A 213 -27.12 -12.21 -9.87
C THR A 213 -27.49 -12.45 -11.32
N THR A 214 -28.26 -11.54 -11.91
CA THR A 214 -28.71 -11.69 -13.28
C THR A 214 -27.71 -11.16 -14.31
N GLY A 215 -27.96 -11.41 -15.59
CA GLY A 215 -27.13 -10.89 -16.69
C GLY A 215 -27.12 -9.37 -16.66
N PRO A 216 -28.27 -8.69 -16.63
CA PRO A 216 -28.21 -7.22 -16.60
C PRO A 216 -27.46 -6.70 -15.40
N GLU A 217 -27.62 -7.34 -14.24
CA GLU A 217 -26.90 -6.90 -13.06
C GLU A 217 -25.41 -7.06 -13.25
N LEU A 218 -25.03 -8.20 -13.80
CA LEU A 218 -23.60 -8.49 -14.01
C LEU A 218 -22.97 -7.43 -14.89
N LEU A 219 -23.67 -7.02 -15.95
CA LEU A 219 -23.12 -5.98 -16.79
C LEU A 219 -22.80 -4.70 -16.01
N ILE A 220 -23.74 -4.26 -15.18
CA ILE A 220 -23.57 -3.06 -14.38
C ILE A 220 -22.45 -3.24 -13.36
N ILE A 221 -22.35 -4.41 -12.74
CA ILE A 221 -21.25 -4.69 -11.79
C ILE A 221 -19.90 -4.60 -12.50
N GLU A 222 -19.77 -5.22 -13.68
CA GLU A 222 -18.55 -5.19 -14.43
C GLU A 222 -18.11 -3.74 -14.73
N ASP A 223 -19.05 -2.94 -15.21
CA ASP A 223 -18.75 -1.54 -15.54
C ASP A 223 -18.37 -0.72 -14.30
N ALA A 224 -19.08 -0.95 -13.20
CA ALA A 224 -18.79 -0.18 -11.99
C ALA A 224 -17.45 -0.49 -11.39
N LEU A 225 -17.02 -1.77 -11.49
CA LEU A 225 -15.80 -2.21 -10.82
C LEU A 225 -14.62 -2.19 -11.78
N GLY A 226 -14.81 -1.85 -13.07
CA GLY A 226 -13.71 -1.91 -14.01
C GLY A 226 -13.27 -3.30 -14.37
N LEU A 227 -14.18 -4.26 -14.27
CA LEU A 227 -13.80 -5.66 -14.52
C LEU A 227 -14.40 -6.07 -15.85
N MET B 3 3.39 16.45 3.15
CA MET B 3 3.21 17.31 2.00
C MET B 3 4.49 17.36 1.18
N ILE B 4 4.82 18.41 0.43
CA ILE B 4 6.01 18.40 -0.42
C ILE B 4 6.74 19.73 -0.28
N ILE B 5 8.05 19.69 -0.21
CA ILE B 5 8.84 20.91 -0.19
C ILE B 5 9.90 20.79 -1.30
N ARG B 6 10.21 21.96 -1.84
CA ARG B 6 11.36 22.04 -2.76
C ARG B 6 12.55 22.46 -1.94
N LYS B 7 13.67 21.87 -2.22
CA LYS B 7 14.83 22.22 -1.42
C LYS B 7 16.10 22.06 -2.19
N TYR B 8 17.11 22.84 -1.90
CA TYR B 8 18.51 22.53 -2.24
C TYR B 8 19.21 22.14 -0.95
N PHE B 9 20.20 21.28 -1.01
CA PHE B 9 21.03 20.95 0.15
C PHE B 9 22.33 21.69 -0.06
N SER B 10 22.57 22.78 0.66
CA SER B 10 23.75 23.61 0.53
C SER B 10 24.01 23.90 -0.96
N GLY B 11 22.97 24.27 -1.71
CA GLY B 11 23.05 24.61 -3.12
C GLY B 11 22.86 23.46 -4.08
N ILE B 12 22.88 22.22 -3.57
CA ILE B 12 22.85 21.06 -4.49
C ILE B 12 21.42 20.58 -4.70
N PRO B 13 20.95 20.45 -5.95
CA PRO B 13 19.55 20.06 -6.17
C PRO B 13 19.33 18.55 -6.22
N THR B 14 20.39 17.74 -6.26
CA THR B 14 20.25 16.28 -6.42
C THR B 14 20.13 15.63 -5.04
N ILE B 15 18.99 15.86 -4.45
CA ILE B 15 18.61 15.46 -3.09
C ILE B 15 18.77 13.97 -2.89
N GLY B 16 18.34 13.20 -3.88
CA GLY B 16 18.35 11.75 -3.77
C GLY B 16 19.71 11.09 -3.79
N VAL B 17 20.73 11.80 -4.32
CA VAL B 17 22.12 11.31 -4.17
C VAL B 17 22.58 11.45 -2.72
N LEU B 18 22.11 12.51 -2.08
CA LEU B 18 22.64 12.94 -0.77
C LEU B 18 21.89 12.32 0.38
N ALA B 19 20.73 11.65 0.16
CA ALA B 19 19.93 11.27 1.31
C ALA B 19 19.06 10.06 0.99
N LEU B 20 18.65 9.35 2.02
CA LEU B 20 17.68 8.24 1.87
C LEU B 20 16.62 8.44 2.94
N THR B 21 15.41 7.99 2.64
CA THR B 21 14.35 7.95 3.65
C THR B 21 13.59 6.63 3.59
N THR B 22 13.04 6.29 4.76
CA THR B 22 11.99 5.26 4.87
C THR B 22 10.76 5.94 5.49
N GLU B 23 9.78 5.18 5.94
CA GLU B 23 8.68 5.77 6.70
C GLU B 23 9.17 6.20 8.08
N GLU B 24 10.23 5.59 8.59
CA GLU B 24 10.68 5.79 9.95
C GLU B 24 11.89 6.71 10.12
N ILE B 25 12.86 6.58 9.22
CA ILE B 25 14.15 7.26 9.36
C ILE B 25 14.55 7.94 8.08
N THR B 26 15.42 8.94 8.25
CA THR B 26 16.00 9.64 7.11
C THR B 26 17.50 9.80 7.38
N LEU B 27 18.37 9.40 6.47
CA LEU B 27 19.81 9.63 6.61
C LEU B 27 20.18 10.80 5.70
N LEU B 28 20.93 11.71 6.28
CA LEU B 28 21.25 13.00 5.63
C LEU B 28 22.75 13.32 5.68
N PRO B 29 23.23 14.18 4.81
CA PRO B 29 24.63 14.61 4.84
C PRO B 29 25.00 15.37 6.11
N ILE B 30 26.26 15.15 6.52
CA ILE B 30 26.68 15.87 7.75
C ILE B 30 26.81 17.36 7.50
N PHE B 31 26.84 17.82 6.25
CA PHE B 31 27.08 19.27 6.03
C PHE B 31 25.80 20.06 6.21
N LEU B 32 24.62 19.40 6.28
CA LEU B 32 23.42 20.20 6.44
C LEU B 32 23.36 20.88 7.80
N ASP B 33 22.72 22.05 7.91
CA ASP B 33 22.59 22.69 9.23
C ASP B 33 21.29 22.20 9.89
N LYS B 34 21.05 22.58 11.15
CA LYS B 34 19.89 22.15 11.91
C LYS B 34 18.60 22.63 11.27
N ASP B 35 18.51 23.80 10.68
CA ASP B 35 17.27 24.26 10.04
C ASP B 35 16.85 23.35 8.88
N ASP B 36 17.80 22.98 8.04
CA ASP B 36 17.63 22.04 6.95
C ASP B 36 17.13 20.69 7.49
N VAL B 37 17.80 20.16 8.50
CA VAL B 37 17.41 18.84 9.07
C VAL B 37 16.01 18.89 9.63
N ASN B 38 15.72 19.89 10.46
CA ASN B 38 14.36 20.03 11.01
C ASN B 38 13.30 20.14 9.92
N GLU B 39 13.53 20.87 8.84
CA GLU B 39 12.56 20.98 7.75
C GLU B 39 12.29 19.64 7.12
N VAL B 40 13.36 18.87 6.87
CA VAL B 40 13.22 17.52 6.31
C VAL B 40 12.46 16.62 7.27
N SER B 41 12.83 16.64 8.57
CA SER B 41 12.18 15.83 9.58
C SER B 41 10.69 16.10 9.61
N GLU B 42 10.37 17.39 9.52
CA GLU B 42 8.96 17.79 9.63
C GLU B 42 8.17 17.31 8.43
N VAL B 43 8.68 17.43 7.22
CA VAL B 43 7.90 17.03 6.05
C VAL B 43 7.84 15.51 5.93
N LEU B 44 8.88 14.76 6.23
CA LEU B 44 8.87 13.31 6.06
C LEU B 44 8.32 12.63 7.32
N GLU B 45 8.24 13.36 8.42
CA GLU B 45 7.75 12.81 9.69
C GLU B 45 8.61 11.62 10.12
N THR B 46 9.92 11.81 10.06
CA THR B 46 10.89 10.75 10.40
C THR B 46 11.86 11.20 11.48
N LYS B 47 12.58 10.22 12.05
CA LYS B 47 13.77 10.50 12.83
C LYS B 47 14.96 10.61 11.89
N CYS B 48 15.74 11.67 12.04
CA CYS B 48 16.84 11.98 11.11
C CYS B 48 18.18 11.75 11.77
N LEU B 49 19.08 11.15 10.98
CA LEU B 49 20.48 10.99 11.36
C LEU B 49 21.37 11.59 10.28
N GLN B 50 22.31 12.47 10.69
CA GLN B 50 23.30 12.95 9.75
C GLN B 50 24.50 12.00 9.85
N THR B 51 24.94 11.46 8.72
CA THR B 51 26.05 10.51 8.78
C THR B 51 26.77 10.48 7.46
N ASN B 52 28.05 10.12 7.47
CA ASN B 52 28.75 9.68 6.28
C ASN B 52 28.52 8.18 6.06
N ILE B 53 28.76 7.78 4.83
CA ILE B 53 28.83 6.35 4.47
C ILE B 53 30.06 6.21 3.58
N GLY B 54 31.01 5.34 3.92
CA GLY B 54 32.17 5.26 3.02
C GLY B 54 33.00 6.54 3.07
N GLY B 55 32.89 7.33 4.14
CA GLY B 55 33.65 8.57 4.23
C GLY B 55 32.94 9.72 3.57
N SER B 56 31.85 9.46 2.88
CA SER B 56 31.26 10.44 2.02
C SER B 56 29.82 10.83 2.36
N SER B 57 29.32 11.89 1.74
CA SER B 57 27.97 12.35 1.96
C SER B 57 27.02 11.79 0.92
N LEU B 58 27.42 10.89 0.04
CA LEU B 58 26.53 10.41 -1.05
C LEU B 58 25.61 9.31 -0.53
N VAL B 59 24.93 9.59 0.57
CA VAL B 59 24.20 8.57 1.34
C VAL B 59 23.14 7.88 0.51
N GLY B 60 22.40 8.68 -0.28
CA GLY B 60 21.33 8.14 -1.10
C GLY B 60 21.82 7.30 -2.25
N SER B 61 23.04 7.52 -2.76
CA SER B 61 23.57 6.68 -3.80
C SER B 61 24.15 5.38 -3.25
N LEU B 62 24.60 5.41 -1.96
CA LEU B 62 25.35 4.27 -1.40
C LEU B 62 24.50 3.29 -0.63
N SER B 63 23.29 3.65 -0.25
CA SER B 63 22.53 2.84 0.69
C SER B 63 21.05 2.85 0.33
N VAL B 64 20.32 1.85 0.86
CA VAL B 64 18.84 1.81 0.73
C VAL B 64 18.30 1.15 1.98
N ALA B 65 17.04 1.42 2.27
CA ALA B 65 16.44 0.93 3.48
C ALA B 65 14.90 0.90 3.31
N ASN B 66 14.31 0.09 4.18
CA ASN B 66 12.86 0.06 4.34
C ASN B 66 12.53 -0.19 5.82
N LYS B 67 11.32 -0.63 6.14
CA LYS B 67 10.94 -0.88 7.53
C LYS B 67 11.74 -2.00 8.16
N TYR B 68 12.34 -2.86 7.33
CA TYR B 68 12.89 -4.10 7.79
C TYR B 68 14.41 -4.16 7.73
N GLY B 69 15.03 -3.44 6.81
CA GLY B 69 16.49 -3.60 6.64
C GLY B 69 17.13 -2.32 6.11
N LEU B 70 18.45 -2.25 6.27
CA LEU B 70 19.29 -1.15 5.84
C LEU B 70 20.50 -1.78 5.17
N LEU B 71 20.68 -1.51 3.88
CA LEU B 71 21.79 -2.10 3.15
C LEU B 71 22.91 -1.08 2.95
N LEU B 72 24.13 -1.51 3.26
CA LEU B 72 25.31 -0.68 3.23
C LEU B 72 26.38 -1.30 2.33
N PRO B 73 27.21 -0.48 1.72
CA PRO B 73 28.24 -1.03 0.82
C PRO B 73 29.48 -1.46 1.60
N LYS B 74 30.37 -2.16 0.89
CA LYS B 74 31.55 -2.75 1.60
C LYS B 74 32.47 -1.67 2.14
N ILE B 75 32.34 -0.44 1.60
CA ILE B 75 33.21 0.65 2.06
C ILE B 75 32.70 1.34 3.31
N VAL B 76 31.56 0.93 3.90
CA VAL B 76 31.12 1.56 5.15
C VAL B 76 32.19 1.36 6.20
N GLU B 77 32.44 2.42 6.97
CA GLU B 77 33.49 2.37 7.96
C GLU B 77 32.98 2.01 9.35
N ASP B 78 33.83 1.51 10.23
CA ASP B 78 33.37 1.05 11.53
C ASP B 78 32.70 2.14 12.36
N GLU B 79 33.28 3.34 12.37
CA GLU B 79 32.62 4.40 13.14
C GLU B 79 31.26 4.74 12.56
N GLU B 80 31.06 4.65 11.24
CA GLU B 80 29.76 4.96 10.63
C GLU B 80 28.72 3.87 10.96
N LEU B 81 29.15 2.61 10.90
CA LEU B 81 28.29 1.50 11.29
C LEU B 81 27.80 1.67 12.74
N ASP B 82 28.75 1.99 13.61
CA ASP B 82 28.43 2.22 15.02
C ASP B 82 27.48 3.40 15.20
N ARG B 83 27.77 4.49 14.48
CA ARG B 83 26.84 5.66 14.57
C ARG B 83 25.44 5.28 14.16
N ILE B 84 25.33 4.56 13.03
CA ILE B 84 24.02 4.17 12.52
C ILE B 84 23.32 3.23 13.49
N LYS B 85 24.06 2.24 13.98
CA LYS B 85 23.43 1.28 14.88
C LYS B 85 22.98 1.91 16.18
N ASN B 86 23.79 2.85 16.69
CA ASN B 86 23.39 3.59 17.90
C ASN B 86 22.09 4.32 17.67
N PHE B 87 22.00 5.04 16.54
CA PHE B 87 20.78 5.78 16.18
C PHE B 87 19.57 4.86 16.11
N LEU B 88 19.66 3.69 15.47
CA LEU B 88 18.52 2.79 15.40
C LEU B 88 18.11 2.30 16.78
N LYS B 89 19.11 1.92 17.57
CA LYS B 89 18.84 1.38 18.91
C LYS B 89 18.15 2.44 19.76
N GLU B 90 18.70 3.66 19.76
CA GLU B 90 18.11 4.68 20.65
C GLU B 90 16.68 5.01 20.25
N ASN B 91 16.31 4.72 19.01
CA ASN B 91 14.97 4.97 18.52
C ASN B 91 14.12 3.70 18.44
N ASN B 92 14.58 2.61 19.05
CA ASN B 92 13.89 1.34 19.19
C ASN B 92 13.57 0.68 17.86
N LEU B 93 14.47 0.89 16.90
CA LEU B 93 14.29 0.26 15.61
C LEU B 93 15.20 -0.94 15.36
N ASP B 94 14.52 -2.03 14.99
CA ASP B 94 15.18 -3.30 14.79
C ASP B 94 15.24 -3.60 13.28
N LEU B 95 16.30 -3.13 12.63
CA LEU B 95 16.48 -3.36 11.22
C LEU B 95 17.58 -4.41 11.06
N ASN B 96 17.44 -5.15 9.96
CA ASN B 96 18.49 -5.99 9.48
C ASN B 96 19.51 -5.05 8.81
N VAL B 97 20.63 -4.81 9.48
CA VAL B 97 21.68 -3.92 8.93
C VAL B 97 22.68 -4.86 8.26
N GLU B 98 22.77 -4.80 6.94
CA GLU B 98 23.51 -5.79 6.18
C GLU B 98 24.43 -5.15 5.14
N ILE B 99 25.70 -5.55 5.12
CA ILE B 99 26.62 -5.10 4.09
C ILE B 99 26.41 -5.97 2.86
N ILE B 100 26.22 -5.33 1.70
CA ILE B 100 26.18 -6.06 0.44
C ILE B 100 27.51 -5.82 -0.25
N LYS B 101 28.34 -6.85 -0.36
CA LYS B 101 29.75 -6.67 -0.78
C LYS B 101 29.95 -6.67 -2.28
N SER B 102 29.11 -5.96 -3.03
CA SER B 102 29.23 -5.81 -4.45
C SER B 102 30.41 -4.93 -4.82
N LYS B 103 30.97 -5.18 -6.00
CA LYS B 103 32.05 -4.34 -6.48
C LYS B 103 31.57 -2.91 -6.65
N ASN B 104 30.35 -2.80 -7.17
CA ASN B 104 29.72 -1.48 -7.35
C ASN B 104 29.07 -1.13 -6.02
N THR B 105 29.62 -0.09 -5.38
CA THR B 105 29.16 0.25 -4.05
C THR B 105 27.92 1.14 -4.02
N ALA B 106 27.39 1.56 -5.19
CA ALA B 106 26.29 2.52 -5.24
C ALA B 106 24.96 1.78 -5.10
N LEU B 107 24.77 1.17 -3.93
CA LEU B 107 23.57 0.35 -3.70
C LEU B 107 22.27 1.14 -3.92
N GLY B 108 22.28 2.41 -3.50
CA GLY B 108 21.06 3.21 -3.66
C GLY B 108 20.78 3.55 -5.10
N ASN B 109 21.78 3.57 -6.00
CA ASN B 109 21.54 3.74 -7.42
C ASN B 109 21.04 2.43 -8.02
N LEU B 110 21.31 1.29 -7.38
CA LEU B 110 21.09 -0.03 -8.01
C LEU B 110 19.87 -0.77 -7.47
N ILE B 111 19.23 -0.19 -6.46
CA ILE B 111 18.08 -0.86 -5.81
C ILE B 111 16.96 0.13 -5.59
N LEU B 112 15.73 -0.29 -5.87
CA LEU B 112 14.51 0.47 -5.61
C LEU B 112 13.67 -0.40 -4.69
N THR B 113 13.36 0.10 -3.49
CA THR B 113 12.59 -0.72 -2.58
C THR B 113 11.58 0.10 -1.78
N ASN B 114 10.47 -0.56 -1.45
CA ASN B 114 9.62 -0.05 -0.35
C ASN B 114 9.41 -1.16 0.67
N ASP B 115 8.35 -1.14 1.46
CA ASP B 115 8.15 -2.19 2.46
C ASP B 115 7.55 -3.46 1.86
N LYS B 116 7.26 -3.51 0.58
CA LYS B 116 6.61 -4.68 -0.04
C LYS B 116 7.45 -5.32 -1.12
N GLY B 117 8.18 -4.54 -1.95
CA GLY B 117 8.83 -5.11 -3.12
C GLY B 117 10.10 -4.33 -3.42
N ALA B 118 11.01 -5.00 -4.12
CA ALA B 118 12.22 -4.32 -4.57
C ALA B 118 12.57 -4.72 -5.99
N LEU B 119 13.09 -3.77 -6.75
CA LEU B 119 13.67 -4.00 -8.07
C LEU B 119 15.17 -3.78 -7.94
N ILE B 120 15.98 -4.71 -8.46
CA ILE B 120 17.44 -4.55 -8.37
C ILE B 120 18.07 -4.66 -9.74
N SER B 121 19.17 -3.93 -9.87
CA SER B 121 19.98 -4.01 -11.08
C SER B 121 20.44 -5.43 -11.36
N PRO B 122 20.56 -5.82 -12.63
CA PRO B 122 21.22 -7.11 -12.95
C PRO B 122 22.61 -7.19 -12.37
N GLU B 123 23.27 -6.07 -12.11
CA GLU B 123 24.64 -6.13 -11.60
C GLU B 123 24.65 -6.70 -10.20
N LEU B 124 23.47 -6.75 -9.52
CA LEU B 124 23.41 -7.28 -8.15
C LEU B 124 22.78 -8.66 -8.11
N LYS B 125 22.64 -9.31 -9.26
CA LYS B 125 22.00 -10.62 -9.23
C LYS B 125 22.70 -11.60 -8.29
N ASP B 126 24.01 -11.51 -8.05
CA ASP B 126 24.71 -12.48 -7.21
C ASP B 126 24.48 -12.23 -5.73
N PHE B 127 23.71 -11.20 -5.36
CA PHE B 127 23.39 -10.87 -3.98
C PHE B 127 21.88 -10.85 -3.72
N LYS B 128 21.09 -11.36 -4.67
CA LYS B 128 19.62 -11.21 -4.60
C LYS B 128 19.04 -11.89 -3.36
N LYS B 129 19.53 -13.05 -2.90
CA LYS B 129 18.89 -13.69 -1.77
C LYS B 129 19.16 -12.88 -0.50
N ASP B 130 20.39 -12.38 -0.36
CA ASP B 130 20.64 -11.56 0.85
C ASP B 130 19.82 -10.27 0.81
N ILE B 131 19.64 -9.71 -0.41
CA ILE B 131 18.81 -8.48 -0.46
C ILE B 131 17.37 -8.78 -0.07
N GLU B 132 16.83 -9.87 -0.61
CA GLU B 132 15.48 -10.32 -0.30
C GLU B 132 15.33 -10.56 1.18
N ASP B 133 16.29 -11.27 1.79
CA ASP B 133 16.15 -11.65 3.18
C ASP B 133 16.29 -10.44 4.10
N SER B 134 17.21 -9.55 3.73
CA SER B 134 17.49 -8.39 4.59
C SER B 134 16.43 -7.30 4.51
N LEU B 135 15.92 -7.02 3.30
CA LEU B 135 14.85 -6.05 3.12
C LEU B 135 13.50 -6.72 3.40
N ASN B 136 13.47 -8.04 3.47
CA ASN B 136 12.23 -8.77 3.78
C ASN B 136 11.11 -8.47 2.77
N VAL B 137 11.42 -8.44 1.49
CA VAL B 137 10.44 -8.12 0.44
C VAL B 137 10.65 -9.06 -0.75
N GLU B 138 9.66 -9.06 -1.63
CA GLU B 138 9.84 -9.78 -2.90
C GLU B 138 10.84 -9.02 -3.77
N VAL B 139 11.80 -9.66 -4.40
CA VAL B 139 12.80 -9.00 -5.24
C VAL B 139 12.69 -9.45 -6.69
N GLU B 140 12.68 -8.52 -7.63
CA GLU B 140 12.86 -8.82 -9.07
C GLU B 140 14.12 -8.10 -9.56
N ILE B 141 14.74 -8.73 -10.55
CA ILE B 141 15.85 -8.11 -11.25
C ILE B 141 15.33 -7.39 -12.48
N GLY B 142 15.82 -6.16 -12.76
CA GLY B 142 15.38 -5.53 -13.98
C GLY B 142 16.00 -4.16 -14.14
N THR B 143 15.39 -3.43 -15.06
CA THR B 143 15.85 -2.10 -15.46
C THR B 143 14.69 -1.11 -15.47
N ILE B 144 15.01 0.18 -15.51
CA ILE B 144 14.04 1.26 -15.64
C ILE B 144 14.43 2.00 -16.90
N ALA B 145 13.57 2.06 -17.88
CA ALA B 145 13.88 2.71 -19.18
C ALA B 145 15.21 2.21 -19.77
N GLU B 146 15.41 0.89 -19.67
CA GLU B 146 16.59 0.16 -20.16
C GLU B 146 17.88 0.46 -19.40
N LEU B 147 17.76 1.19 -18.30
CA LEU B 147 18.88 1.56 -17.48
C LEU B 147 18.98 0.66 -16.26
N PRO B 148 20.15 0.12 -15.98
CA PRO B 148 20.35 -0.72 -14.79
C PRO B 148 20.41 0.04 -13.47
N THR B 149 20.58 1.35 -13.48
CA THR B 149 20.61 2.12 -12.24
C THR B 149 19.18 2.46 -11.84
N VAL B 150 18.45 1.42 -11.41
CA VAL B 150 17.01 1.51 -11.16
C VAL B 150 16.71 2.49 -10.02
N GLY B 151 17.58 2.54 -8.99
CA GLY B 151 17.41 3.47 -7.90
C GLY B 151 17.59 4.95 -8.29
N SER B 152 18.45 5.24 -9.26
CA SER B 152 18.63 6.59 -9.76
C SER B 152 17.42 7.04 -10.58
N ASN B 153 16.72 6.08 -11.19
CA ASN B 153 15.80 6.41 -12.25
C ASN B 153 14.34 6.24 -11.85
N ALA B 154 14.04 6.09 -10.57
CA ALA B 154 12.70 6.06 -10.04
C ALA B 154 12.71 6.42 -8.54
N VAL B 155 11.52 6.77 -8.04
CA VAL B 155 11.26 7.02 -6.63
C VAL B 155 10.11 6.10 -6.27
N VAL B 156 10.27 5.32 -5.23
CA VAL B 156 9.20 4.45 -4.77
C VAL B 156 8.98 4.62 -3.28
N THR B 157 7.73 4.63 -2.88
CA THR B 157 7.33 4.69 -1.49
C THR B 157 6.33 3.56 -1.27
N ASN B 158 5.83 3.38 -0.05
CA ASN B 158 4.79 2.39 0.19
C ASN B 158 3.53 2.69 -0.62
N LYS B 159 3.29 3.97 -0.94
CA LYS B 159 2.02 4.43 -1.50
C LYS B 159 2.10 4.69 -2.98
N GLY B 160 3.25 5.15 -3.48
CA GLY B 160 3.33 5.59 -4.87
C GLY B 160 4.69 5.34 -5.48
N CYS B 161 4.80 5.67 -6.75
CA CYS B 161 6.01 5.44 -7.51
C CYS B 161 6.07 6.40 -8.70
N LEU B 162 7.21 7.06 -8.85
CA LEU B 162 7.46 7.96 -10.00
C LEU B 162 8.65 7.41 -10.77
N THR B 163 8.52 7.15 -12.06
CA THR B 163 9.66 6.64 -12.83
C THR B 163 10.12 7.70 -13.83
N HIS B 164 11.31 7.40 -14.39
CA HIS B 164 11.83 7.97 -15.59
C HIS B 164 10.73 8.11 -16.63
N PRO B 165 10.69 9.21 -17.39
CA PRO B 165 9.59 9.43 -18.33
C PRO B 165 9.49 8.43 -19.48
N LEU B 166 10.51 7.63 -19.77
CA LEU B 166 10.43 6.73 -20.91
C LEU B 166 10.02 5.31 -20.53
N VAL B 167 9.66 5.04 -19.26
CA VAL B 167 9.08 3.74 -18.96
C VAL B 167 7.76 3.58 -19.71
N GLU B 168 7.49 2.40 -20.26
CA GLU B 168 6.28 2.11 -21.01
C GLU B 168 5.11 1.92 -20.06
N ASP B 169 3.90 2.20 -20.52
CA ASP B 169 2.73 2.02 -19.70
C ASP B 169 2.56 0.58 -19.20
N ASP B 170 2.79 -0.44 -20.01
CA ASP B 170 2.58 -1.80 -19.49
C ASP B 170 3.61 -2.11 -18.40
N GLU B 171 4.79 -1.51 -18.57
CA GLU B 171 5.80 -1.69 -17.52
C GLU B 171 5.44 -0.96 -16.25
N LEU B 172 4.80 0.21 -16.34
CA LEU B 172 4.30 0.81 -15.10
C LEU B 172 3.35 -0.12 -14.37
N GLU B 173 2.53 -0.89 -15.10
CA GLU B 173 1.60 -1.77 -14.41
C GLU B 173 2.39 -2.87 -13.71
N PHE B 174 3.45 -3.37 -14.34
CA PHE B 174 4.32 -4.37 -13.68
C PHE B 174 4.89 -3.81 -12.39
N LEU B 175 5.38 -2.56 -12.48
CA LEU B 175 6.01 -1.96 -11.30
C LEU B 175 4.97 -1.70 -10.21
N LYS B 176 3.78 -1.25 -10.59
CA LYS B 176 2.72 -0.97 -9.63
C LYS B 176 2.40 -2.23 -8.85
N SER B 177 2.36 -3.36 -9.57
CA SER B 177 2.09 -4.64 -8.89
C SER B 177 3.27 -5.10 -8.03
N LEU B 178 4.49 -5.02 -8.54
CA LEU B 178 5.68 -5.42 -7.75
C LEU B 178 5.77 -4.66 -6.42
N PHE B 179 5.55 -3.35 -6.52
CA PHE B 179 5.73 -2.49 -5.33
C PHE B 179 4.45 -2.42 -4.51
N LYS B 180 3.35 -2.99 -5.00
CA LYS B 180 2.05 -2.97 -4.32
C LYS B 180 1.63 -1.55 -3.95
N VAL B 181 1.86 -0.60 -4.85
CA VAL B 181 1.55 0.81 -4.58
C VAL B 181 0.15 1.16 -5.07
N GLU B 182 -0.39 2.22 -4.48
CA GLU B 182 -1.71 2.72 -4.87
C GLU B 182 -1.70 3.65 -6.07
N TYR B 183 -0.57 4.30 -6.37
CA TYR B 183 -0.46 5.28 -7.44
C TYR B 183 0.85 5.07 -8.18
N ILE B 184 0.88 5.36 -9.45
CA ILE B 184 2.15 5.38 -10.18
C ILE B 184 2.09 6.38 -11.31
N GLY B 185 3.24 6.91 -11.71
CA GLY B 185 3.32 7.86 -12.82
C GLY B 185 4.77 7.95 -13.26
N LYS B 186 4.96 8.77 -14.29
CA LYS B 186 6.31 8.93 -14.88
C LYS B 186 6.49 10.39 -15.23
N GLY B 187 7.69 10.88 -15.17
CA GLY B 187 7.94 12.31 -15.43
C GLY B 187 9.37 12.68 -15.02
N THR B 188 9.66 13.96 -15.02
CA THR B 188 10.99 14.45 -14.69
C THR B 188 11.00 15.27 -13.41
N ALA B 189 12.16 15.61 -12.92
CA ALA B 189 12.28 16.54 -11.77
C ALA B 189 13.41 17.49 -12.08
N ASN B 190 13.59 18.53 -11.28
CA ASN B 190 14.68 19.50 -11.43
C ASN B 190 14.74 20.02 -12.85
N LYS B 191 13.58 20.35 -13.43
CA LYS B 191 13.60 20.96 -14.77
C LYS B 191 14.19 20.04 -15.84
N GLY B 192 13.64 18.84 -15.96
CA GLY B 192 13.92 17.94 -17.08
C GLY B 192 14.87 16.80 -16.77
N THR B 193 15.36 16.67 -15.54
CA THR B 193 16.22 15.54 -15.19
C THR B 193 15.42 14.26 -15.19
N THR B 194 15.91 13.26 -15.91
CA THR B 194 15.17 11.99 -16.03
C THR B 194 15.44 11.00 -14.89
N SER B 195 16.58 11.18 -14.23
CA SER B 195 16.97 10.31 -13.10
C SER B 195 16.28 10.84 -11.83
N VAL B 196 14.98 10.56 -11.76
CA VAL B 196 14.18 11.21 -10.71
C VAL B 196 14.56 10.74 -9.31
N GLY B 197 15.09 9.52 -9.18
CA GLY B 197 15.56 9.08 -7.88
C GLY B 197 16.73 9.87 -7.37
N ALA B 198 17.50 10.50 -8.26
CA ALA B 198 18.59 11.37 -7.82
C ALA B 198 18.04 12.69 -7.28
N CYS B 199 16.77 12.99 -7.55
CA CYS B 199 16.25 14.34 -7.36
C CYS B 199 15.26 14.48 -6.21
N ILE B 200 14.80 13.36 -5.65
CA ILE B 200 13.68 13.36 -4.72
C ILE B 200 13.93 12.35 -3.62
N ILE B 201 13.57 12.67 -2.40
CA ILE B 201 13.39 11.60 -1.42
C ILE B 201 11.94 11.71 -0.92
N ALA B 202 11.32 10.57 -0.72
CA ALA B 202 9.91 10.56 -0.37
C ALA B 202 9.53 9.35 0.43
N ASN B 203 8.48 9.54 1.24
CA ASN B 203 7.79 8.39 1.84
C ASN B 203 6.30 8.60 1.68
N SER B 204 5.48 7.79 2.38
CA SER B 204 4.04 7.93 2.18
C SER B 204 3.48 9.20 2.82
N LYS B 205 4.28 9.91 3.61
CA LYS B 205 3.82 11.10 4.36
C LYS B 205 4.25 12.40 3.71
N GLY B 206 5.32 12.40 2.92
CA GLY B 206 5.79 13.69 2.37
C GLY B 206 6.93 13.42 1.42
N ALA B 207 7.43 14.50 0.80
CA ALA B 207 8.53 14.41 -0.13
C ALA B 207 9.36 15.70 -0.09
N VAL B 208 10.67 15.50 -0.27
CA VAL B 208 11.60 16.61 -0.49
C VAL B 208 12.04 16.51 -1.95
N VAL B 209 11.73 17.53 -2.73
CA VAL B 209 12.03 17.51 -4.17
C VAL B 209 13.10 18.54 -4.46
N GLY B 210 13.99 18.23 -5.39
CA GLY B 210 15.06 19.15 -5.72
C GLY B 210 14.51 20.51 -6.13
N GLY B 211 15.20 21.56 -5.74
CA GLY B 211 14.67 22.93 -5.83
C GLY B 211 14.43 23.44 -7.22
N ASP B 212 15.04 22.81 -8.22
CA ASP B 212 14.79 23.28 -9.60
C ASP B 212 13.51 22.70 -10.17
N THR B 213 12.84 21.82 -9.42
CA THR B 213 11.64 21.17 -9.99
C THR B 213 10.57 22.22 -10.31
N THR B 214 9.94 22.08 -11.48
CA THR B 214 8.96 23.07 -11.95
C THR B 214 7.55 22.77 -11.45
N GLY B 215 6.65 23.73 -11.64
CA GLY B 215 5.25 23.53 -11.29
C GLY B 215 4.66 22.37 -12.04
N PRO B 216 4.79 22.30 -13.36
CA PRO B 216 4.25 21.12 -14.06
C PRO B 216 4.81 19.81 -13.55
N GLU B 217 6.12 19.77 -13.21
CA GLU B 217 6.73 18.52 -12.69
C GLU B 217 6.13 18.17 -11.35
N LEU B 218 5.93 19.19 -10.49
CA LEU B 218 5.41 18.93 -9.15
C LEU B 218 4.02 18.34 -9.21
N LEU B 219 3.14 18.78 -10.08
CA LEU B 219 1.80 18.19 -10.16
C LEU B 219 1.90 16.70 -10.45
N ILE B 220 2.78 16.34 -11.37
CA ILE B 220 2.93 14.93 -11.76
C ILE B 220 3.55 14.16 -10.63
N ILE B 221 4.50 14.71 -9.89
CA ILE B 221 5.08 14.03 -8.72
C ILE B 221 4.03 13.79 -7.68
N GLU B 222 3.22 14.82 -7.39
CA GLU B 222 2.20 14.67 -6.37
C GLU B 222 1.27 13.53 -6.76
N ASP B 223 0.83 13.48 -8.00
CA ASP B 223 -0.13 12.43 -8.42
C ASP B 223 0.50 11.08 -8.32
N ALA B 224 1.75 10.93 -8.77
CA ALA B 224 2.42 9.64 -8.77
C ALA B 224 2.68 9.09 -7.38
N LEU B 225 2.94 10.00 -6.43
CA LEU B 225 3.31 9.59 -5.07
C LEU B 225 2.11 9.60 -4.12
N GLY B 226 0.92 10.03 -4.57
CA GLY B 226 -0.24 10.02 -3.68
C GLY B 226 -0.16 11.10 -2.62
N LEU B 227 0.58 12.17 -2.94
CA LEU B 227 0.83 13.30 -2.06
C LEU B 227 0.07 14.52 -2.62
#